data_6XLA
#
_entry.id   6XLA
#
_cell.length_a   1.00
_cell.length_b   1.00
_cell.length_c   1.00
_cell.angle_alpha   90.00
_cell.angle_beta   90.00
_cell.angle_gamma   90.00
#
_symmetry.space_group_name_H-M   'P 1'
#
loop_
_entity.id
_entity.type
_entity.pdbx_description
1 polymer 'MerR family transcriptional regulator EcmrR'
2 polymer 'synthetic non-template strand DNA (54-MER)'
3 polymer 'synthetic template strand DNA (54-MER)'
4 non-polymer 'TETRAPHENYLANTIMONIUM ION'
#
loop_
_entity_poly.entity_id
_entity_poly.type
_entity_poly.pdbx_seq_one_letter_code
_entity_poly.pdbx_strand_id
1 'polypeptide(L)'
;SQIGLFSKICRVTIKTLHYYNKIGLLVPAYINPDNGYRFYTSDQLMKFHQIASLRQLGFTITEIVTLTQDENSCHIIERR
RLEIQKQIRDMADMLSRINHYLQHKKKERIMLYQAALKEIPECIVYSKRFIVPDFSSYIKLIPPIGQEVMKANPGLTLTT
PAYCFTLYHDKEYKEKNMDVEFCEAVNDFGKNEGNIIFQVIPAITAVTVIHKGPYDSLRNAYIYLMQWVEDNGYLLTNSP
RESYIDGIWNKQDSAEWMTEIQFPVEKV
;
G,H
2 'polydeoxyribonucleotide'
;(DG)(DC)(DC)(DT)(DT)(DG)(DA)(DC)(DC)(DC)(DT)(DC)(DC)(DC)(DC)(DT)(DA)(DA)(DG)(DG)
(DG)(DG)(DA)(DG)(DG)(DG)(DT)(DT)(DT)(DA)(DG)(DA)(DT)(DT)(DG)(DT)(DG)(DT)(DG)(DC)
(DA)(DG)(DT)(DC)(DT)(DG)(DA)(DC)(DG)(DC)(DG)(DG)(DC)(DG)
;
N
3 'polydeoxyribonucleotide'
;(DC)(DG)(DC)(DC)(DG)(DC)(DG)(DT)(DC)(DA)(DG)(DA)(DC)(DT)(DC)(DG)(DT)(DA)(DG)(DG)
(DA)(DA)(DT)(DC)(DT)(DA)(DA)(DA)(DC)(DC)(DC)(DT)(DC)(DC)(DC)(DC)(DT)(DT)(DA)(DG)
(DG)(DG)(DG)(DA)(DG)(DG)(DG)(DT)(DC)(DA)(DA)(DG)(DG)(DC)
;
T
#
loop_
_chem_comp.id
_chem_comp.type
_chem_comp.name
_chem_comp.formula
118 non-polymer 'TETRAPHENYLANTIMONIUM ION' 'C24 H20 Sb 1'
DA DNA linking 2'-DEOXYADENOSINE-5'-MONOPHOSPHATE 'C10 H14 N5 O6 P'
DC DNA linking 2'-DEOXYCYTIDINE-5'-MONOPHOSPHATE 'C9 H14 N3 O7 P'
DG DNA linking 2'-DEOXYGUANOSINE-5'-MONOPHOSPHATE 'C10 H14 N5 O7 P'
DT DNA linking THYMIDINE-5'-MONOPHOSPHATE 'C10 H15 N2 O8 P'
#
# COMPACT_ATOMS: atom_id res chain seq x y z
N SER A 1 -18.88 4.67 32.82
CA SER A 1 -18.00 5.79 32.50
C SER A 1 -18.54 6.56 31.31
N GLN A 2 -18.42 7.89 31.36
CA GLN A 2 -18.91 8.73 30.29
C GLN A 2 -18.03 8.58 29.05
N ILE A 3 -18.46 9.20 27.95
CA ILE A 3 -17.80 9.00 26.67
C ILE A 3 -16.43 9.68 26.67
N GLY A 4 -16.29 10.79 27.39
CA GLY A 4 -15.03 11.51 27.36
C GLY A 4 -13.93 10.83 28.16
N LEU A 5 -14.30 10.13 29.22
CA LEU A 5 -13.30 9.40 30.01
C LEU A 5 -12.97 8.07 29.35
N PHE A 6 -13.98 7.37 28.83
CA PHE A 6 -13.74 6.14 28.09
C PHE A 6 -12.89 6.40 26.85
N SER A 7 -13.00 7.59 26.25
CA SER A 7 -12.15 7.93 25.13
C SER A 7 -10.70 8.11 25.54
N LYS A 8 -10.44 8.37 26.82
CA LYS A 8 -9.07 8.49 27.29
C LYS A 8 -8.54 7.17 27.84
N ILE A 9 -9.42 6.28 28.25
CA ILE A 9 -9.02 4.93 28.63
C ILE A 9 -8.50 4.17 27.41
N CYS A 10 -9.14 4.37 26.25
CA CYS A 10 -8.82 3.66 25.03
C CYS A 10 -7.85 4.42 24.12
N ARG A 11 -7.60 5.69 24.41
CA ARG A 11 -6.76 6.55 23.58
C ARG A 11 -7.27 6.59 22.13
N VAL A 12 -8.54 6.95 21.99
CA VAL A 12 -9.20 7.06 20.70
C VAL A 12 -10.09 8.30 20.75
N THR A 13 -10.44 8.80 19.58
CA THR A 13 -11.24 10.02 19.51
C THR A 13 -12.70 9.75 19.79
N ILE A 14 -13.46 10.82 20.00
CA ILE A 14 -14.89 10.68 20.28
C ILE A 14 -15.66 10.43 18.98
N LYS A 15 -15.27 11.09 17.89
CA LYS A 15 -15.89 10.83 16.60
C LYS A 15 -15.75 9.38 16.18
N THR A 16 -14.65 8.73 16.57
CA THR A 16 -14.50 7.30 16.30
C THR A 16 -15.53 6.49 17.07
N LEU A 17 -15.81 6.86 18.32
CA LEU A 17 -16.82 6.15 19.09
C LEU A 17 -18.22 6.37 18.54
N HIS A 18 -18.52 7.60 18.13
CA HIS A 18 -19.79 7.90 17.47
C HIS A 18 -19.94 7.06 16.20
N TYR A 19 -18.88 6.99 15.40
CA TYR A 19 -18.92 6.23 14.17
C TYR A 19 -19.13 4.75 14.45
N TYR A 20 -18.42 4.21 15.44
CA TYR A 20 -18.56 2.80 15.76
C TYR A 20 -19.96 2.48 16.28
N ASN A 21 -20.58 3.42 16.99
CA ASN A 21 -21.96 3.21 17.40
C ASN A 21 -22.91 3.25 16.21
N LYS A 22 -22.65 4.15 15.25
CA LYS A 22 -23.50 4.24 14.07
C LYS A 22 -23.41 2.97 13.23
N ILE A 23 -22.20 2.48 13.01
CA ILE A 23 -22.00 1.27 12.21
C ILE A 23 -22.66 0.07 12.89
N GLY A 24 -22.63 0.03 14.21
CA GLY A 24 -23.09 -1.14 14.94
C GLY A 24 -21.99 -2.03 15.46
N LEU A 25 -20.78 -1.50 15.61
CA LEU A 25 -19.64 -2.33 15.98
C LEU A 25 -19.43 -2.36 17.49
N LEU A 26 -19.51 -1.20 18.14
CA LEU A 26 -19.35 -1.09 19.59
C LEU A 26 -20.48 -0.23 20.14
N VAL A 27 -21.45 -0.85 20.79
CA VAL A 27 -22.66 -0.19 21.27
C VAL A 27 -22.51 0.03 22.77
N PRO A 28 -22.81 1.23 23.28
CA PRO A 28 -22.64 1.49 24.71
C PRO A 28 -23.56 0.63 25.57
N ALA A 29 -23.31 0.67 26.88
CA ALA A 29 -24.10 -0.13 27.81
C ALA A 29 -25.47 0.49 28.07
N TYR A 30 -25.49 1.80 28.34
CA TYR A 30 -26.71 2.49 28.73
C TYR A 30 -26.72 3.88 28.12
N ILE A 31 -27.85 4.27 27.55
CA ILE A 31 -28.04 5.58 26.93
C ILE A 31 -29.14 6.32 27.68
N ASN A 32 -28.84 7.55 28.08
CA ASN A 32 -29.79 8.37 28.82
C ASN A 32 -31.04 8.63 27.97
N PRO A 33 -32.23 8.54 28.56
CA PRO A 33 -33.44 8.64 27.72
C PRO A 33 -33.73 10.05 27.22
N ASP A 34 -33.52 11.07 28.05
CA ASP A 34 -33.81 12.44 27.66
C ASP A 34 -32.59 13.18 27.13
N ASN A 35 -31.45 13.04 27.79
CA ASN A 35 -30.22 13.65 27.29
C ASN A 35 -29.74 12.94 26.03
N GLY A 36 -29.56 11.63 26.12
CA GLY A 36 -28.92 10.88 25.06
C GLY A 36 -27.45 10.60 25.30
N TYR A 37 -26.98 10.71 26.53
CA TYR A 37 -25.57 10.50 26.83
C TYR A 37 -25.23 9.02 26.76
N ARG A 38 -23.96 8.73 26.54
CA ARG A 38 -23.48 7.36 26.40
C ARG A 38 -22.59 6.99 27.58
N PHE A 39 -22.84 5.82 28.15
CA PHE A 39 -22.06 5.31 29.27
C PHE A 39 -21.51 3.93 28.94
N TYR A 40 -20.27 3.67 29.35
CA TYR A 40 -19.54 2.47 28.96
C TYR A 40 -19.09 1.70 30.20
N THR A 41 -18.66 0.45 29.96
CA THR A 41 -18.24 -0.48 31.00
C THR A 41 -16.97 -1.17 30.58
N SER A 42 -16.47 -2.07 31.44
CA SER A 42 -15.17 -2.70 31.23
C SER A 42 -15.18 -3.64 30.02
N ASP A 43 -16.28 -4.37 29.83
CA ASP A 43 -16.35 -5.29 28.69
C ASP A 43 -16.28 -4.55 27.36
N GLN A 44 -16.69 -3.28 27.33
CA GLN A 44 -16.47 -2.47 26.15
C GLN A 44 -14.98 -2.32 25.85
N LEU A 45 -14.16 -2.16 26.89
CA LEU A 45 -12.72 -2.09 26.70
C LEU A 45 -12.16 -3.44 26.27
N MET A 46 -12.68 -4.52 26.86
CA MET A 46 -12.32 -5.87 26.44
C MET A 46 -12.58 -6.10 24.96
N LYS A 47 -13.65 -5.49 24.42
CA LYS A 47 -13.95 -5.64 23.00
C LYS A 47 -13.15 -4.67 22.13
N PHE A 48 -12.88 -3.46 22.62
CA PHE A 48 -12.09 -2.51 21.86
C PHE A 48 -10.67 -3.02 21.65
N HIS A 49 -10.13 -3.75 22.63
CA HIS A 49 -8.81 -4.35 22.43
C HIS A 49 -8.82 -5.30 21.25
N GLN A 50 -9.86 -6.13 21.14
CA GLN A 50 -9.99 -7.06 20.02
C GLN A 50 -10.15 -6.32 18.70
N ILE A 51 -10.95 -5.25 18.70
CA ILE A 51 -11.15 -4.45 17.50
C ILE A 51 -9.82 -3.89 17.01
N ALA A 52 -9.04 -3.29 17.91
CA ALA A 52 -7.76 -2.72 17.52
C ALA A 52 -6.78 -3.80 17.06
N SER A 53 -6.80 -4.96 17.73
CA SER A 53 -5.93 -6.07 17.32
C SER A 53 -6.24 -6.50 15.89
N LEU A 54 -7.52 -6.56 15.53
CA LEU A 54 -7.87 -6.93 14.16
C LEU A 54 -7.54 -5.81 13.18
N ARG A 55 -7.77 -4.56 13.58
CA ARG A 55 -7.52 -3.42 12.70
C ARG A 55 -6.05 -3.22 12.39
N GLN A 56 -5.16 -3.67 13.27
CA GLN A 56 -3.73 -3.51 13.03
C GLN A 56 -3.18 -4.46 11.97
N LEU A 57 -3.97 -5.44 11.52
CA LEU A 57 -3.55 -6.38 10.50
C LEU A 57 -4.06 -6.03 9.11
N GLY A 58 -4.77 -4.91 8.97
CA GLY A 58 -5.19 -4.44 7.68
C GLY A 58 -6.62 -4.77 7.29
N PHE A 59 -7.36 -5.50 8.12
CA PHE A 59 -8.74 -5.83 7.78
C PHE A 59 -9.59 -4.58 7.69
N THR A 60 -10.63 -4.65 6.85
CA THR A 60 -11.57 -3.55 6.74
C THR A 60 -12.69 -3.73 7.76
N ILE A 61 -13.52 -2.69 7.91
CA ILE A 61 -14.52 -2.66 8.96
C ILE A 61 -15.51 -3.80 8.81
N THR A 62 -15.91 -4.09 7.57
CA THR A 62 -16.90 -5.16 7.35
C THR A 62 -16.31 -6.53 7.69
N GLU A 63 -15.07 -6.78 7.30
CA GLU A 63 -14.43 -8.04 7.68
C GLU A 63 -14.22 -8.12 9.19
N ILE A 64 -13.92 -6.98 9.84
CA ILE A 64 -13.78 -6.98 11.29
C ILE A 64 -15.10 -7.35 11.95
N VAL A 65 -16.21 -6.80 11.45
CA VAL A 65 -17.53 -7.15 11.96
C VAL A 65 -17.78 -8.64 11.79
N THR A 66 -17.60 -9.15 10.57
CA THR A 66 -17.84 -10.56 10.31
C THR A 66 -16.92 -11.46 11.14
N LEU A 67 -15.73 -10.97 11.50
CA LEU A 67 -14.82 -11.79 12.28
C LEU A 67 -15.21 -11.83 13.74
N THR A 68 -15.58 -10.68 14.32
CA THR A 68 -15.94 -10.67 15.74
C THR A 68 -17.29 -11.35 15.98
N GLN A 69 -18.33 -10.94 15.25
CA GLN A 69 -19.66 -11.42 15.62
C GLN A 69 -19.90 -12.85 15.15
N ASP A 70 -19.49 -13.19 13.93
CA ASP A 70 -19.92 -14.44 13.32
C ASP A 70 -19.00 -15.59 13.74
N GLU A 71 -19.29 -16.76 13.17
CA GLU A 71 -18.48 -17.96 13.36
C GLU A 71 -17.06 -17.71 12.85
N ASN A 72 -16.15 -18.63 13.23
CA ASN A 72 -14.71 -18.47 13.03
C ASN A 72 -14.34 -18.02 11.61
N SER A 73 -14.92 -18.66 10.60
CA SER A 73 -14.84 -18.22 9.20
C SER A 73 -13.39 -17.99 8.75
N CYS A 74 -12.58 -19.04 8.82
CA CYS A 74 -11.18 -18.95 8.48
C CYS A 74 -10.94 -18.55 7.03
N HIS A 75 -11.92 -18.76 6.15
CA HIS A 75 -11.73 -18.46 4.73
C HIS A 75 -11.51 -16.97 4.48
N ILE A 76 -11.91 -16.10 5.40
CA ILE A 76 -11.66 -14.67 5.22
C ILE A 76 -10.19 -14.36 5.46
N ILE A 77 -9.50 -15.14 6.29
CA ILE A 77 -8.15 -14.78 6.70
C ILE A 77 -7.17 -14.98 5.55
N GLU A 78 -7.17 -16.17 4.95
CA GLU A 78 -6.23 -16.47 3.89
C GLU A 78 -6.42 -15.57 2.67
N ARG A 79 -7.66 -15.14 2.41
CA ARG A 79 -7.93 -14.22 1.32
C ARG A 79 -7.18 -12.90 1.51
N ARG A 80 -6.90 -12.53 2.76
CA ARG A 80 -6.06 -11.36 3.01
C ARG A 80 -4.59 -11.67 2.80
N ARG A 81 -4.16 -12.89 3.14
CA ARG A 81 -2.75 -13.24 3.03
C ARG A 81 -2.28 -13.25 1.59
N LEU A 82 -3.19 -13.49 0.64
CA LEU A 82 -2.83 -13.30 -0.77
C LEU A 82 -2.80 -11.82 -1.12
N GLU A 83 -3.78 -11.06 -0.64
CA GLU A 83 -3.88 -9.64 -0.97
C GLU A 83 -2.68 -8.85 -0.48
N ILE A 84 -1.97 -9.34 0.54
CA ILE A 84 -0.71 -8.73 0.93
C ILE A 84 0.42 -9.21 0.03
N GLN A 85 0.46 -10.53 -0.24
CA GLN A 85 1.57 -11.10 -1.01
C GLN A 85 1.67 -10.47 -2.39
N LYS A 86 0.54 -10.27 -3.05
CA LYS A 86 0.54 -9.54 -4.31
C LYS A 86 1.04 -8.13 -4.12
N GLN A 87 0.48 -7.43 -3.12
CA GLN A 87 0.70 -5.98 -3.00
C GLN A 87 2.17 -5.67 -2.82
N ILE A 88 2.86 -6.44 -1.98
CA ILE A 88 4.30 -6.26 -1.77
C ILE A 88 5.03 -6.23 -3.10
N ARG A 89 4.75 -7.22 -3.96
CA ARG A 89 5.40 -7.30 -5.27
C ARG A 89 5.24 -5.99 -6.02
N ASP A 90 4.01 -5.46 -6.05
CA ASP A 90 3.76 -4.21 -6.76
C ASP A 90 4.65 -3.11 -6.23
N MET A 91 4.71 -2.95 -4.90
CA MET A 91 5.59 -1.95 -4.33
C MET A 91 7.04 -2.24 -4.70
N ALA A 92 7.44 -3.51 -4.59
CA ALA A 92 8.80 -3.90 -4.94
C ALA A 92 9.09 -3.66 -6.40
N ASP A 93 8.06 -3.59 -7.24
CA ASP A 93 8.27 -3.20 -8.63
C ASP A 93 8.50 -1.69 -8.73
N MET A 94 7.64 -0.90 -8.10
CA MET A 94 7.69 0.55 -8.29
C MET A 94 8.99 1.12 -7.73
N LEU A 95 9.42 0.61 -6.57
CA LEU A 95 10.70 1.04 -6.00
C LEU A 95 11.85 0.79 -6.96
N SER A 96 11.75 -0.23 -7.80
CA SER A 96 12.76 -0.42 -8.83
C SER A 96 12.66 0.67 -9.89
N ARG A 97 11.46 0.90 -10.42
CA ARG A 97 11.31 1.76 -11.58
C ARG A 97 11.69 3.20 -11.26
N ILE A 98 11.26 3.69 -10.09
CA ILE A 98 11.65 5.04 -9.69
C ILE A 98 13.16 5.13 -9.51
N ASN A 99 13.80 4.04 -9.07
CA ASN A 99 15.25 4.06 -8.95
C ASN A 99 15.92 4.18 -10.31
N HIS A 100 15.27 3.67 -11.36
CA HIS A 100 15.74 3.93 -12.71
C HIS A 100 15.60 5.41 -13.04
N TYR A 101 14.43 5.98 -12.73
CA TYR A 101 14.09 7.34 -13.13
C TYR A 101 15.15 8.33 -12.66
N LEU A 102 15.36 8.41 -11.34
CA LEU A 102 16.40 9.27 -10.79
C LEU A 102 17.75 8.98 -11.44
N GLN A 103 18.08 7.69 -11.59
CA GLN A 103 19.39 7.31 -12.11
C GLN A 103 19.61 7.84 -13.52
N HIS A 104 18.54 8.15 -14.24
CA HIS A 104 18.72 8.83 -15.52
C HIS A 104 18.56 10.33 -15.38
N LYS A 105 17.58 10.78 -14.59
CA LYS A 105 17.25 12.20 -14.56
C LYS A 105 18.39 13.02 -14.00
N LYS A 106 18.86 12.67 -12.80
CA LYS A 106 20.01 13.35 -12.21
C LYS A 106 21.27 13.20 -13.06
N LYS A 107 21.26 12.33 -14.07
CA LYS A 107 22.39 12.25 -14.98
C LYS A 107 22.32 13.33 -16.05
N GLU A 108 21.12 13.64 -16.54
CA GLU A 108 20.97 14.57 -17.66
C GLU A 108 20.16 15.80 -17.32
N ARG A 109 19.37 15.76 -16.25
CA ARG A 109 18.49 16.88 -15.83
C ARG A 109 17.47 17.22 -16.91
N ILE A 110 17.21 16.28 -17.82
CA ILE A 110 16.18 16.40 -18.83
C ILE A 110 15.82 14.99 -19.30
N MET A 111 14.55 14.78 -19.61
CA MET A 111 14.03 13.47 -19.98
C MET A 111 13.48 13.55 -21.40
N LEU A 112 14.08 12.78 -22.31
CA LEU A 112 13.61 12.75 -23.69
C LEU A 112 12.58 11.65 -23.93
N TYR A 113 12.68 10.54 -23.20
CA TYR A 113 11.77 9.42 -23.36
C TYR A 113 11.15 9.05 -22.03
N GLN A 114 9.86 8.70 -22.07
CA GLN A 114 9.14 8.18 -20.91
C GLN A 114 8.47 6.87 -21.30
N ALA A 115 8.71 5.82 -20.54
CA ALA A 115 8.18 4.50 -20.84
C ALA A 115 6.88 4.26 -20.10
N ALA A 116 6.00 3.46 -20.70
CA ALA A 116 4.76 3.11 -20.02
C ALA A 116 4.31 1.73 -20.46
N LEU A 117 3.80 0.96 -19.51
CA LEU A 117 3.25 -0.37 -19.78
C LEU A 117 1.80 -0.25 -20.20
N LYS A 118 1.42 -0.97 -21.25
CA LYS A 118 0.05 -0.96 -21.71
C LYS A 118 -0.26 -2.30 -22.38
N GLU A 119 -1.52 -2.45 -22.78
CA GLU A 119 -2.03 -3.69 -23.35
C GLU A 119 -2.55 -3.42 -24.76
N ILE A 120 -2.13 -4.25 -25.70
CA ILE A 120 -2.55 -4.15 -27.10
C ILE A 120 -3.37 -5.39 -27.43
N PRO A 121 -4.65 -5.26 -27.79
CA PRO A 121 -5.46 -6.43 -28.11
C PRO A 121 -5.03 -7.08 -29.40
N GLU A 122 -5.66 -8.22 -29.70
CA GLU A 122 -5.37 -8.94 -30.93
C GLU A 122 -6.05 -8.25 -32.11
N CYS A 123 -5.44 -8.40 -33.29
CA CYS A 123 -5.95 -7.73 -34.48
C CYS A 123 -5.77 -8.64 -35.69
N ILE A 124 -6.32 -8.20 -36.82
CA ILE A 124 -6.19 -8.88 -38.10
C ILE A 124 -5.51 -7.93 -39.06
N VAL A 125 -4.40 -8.36 -39.65
CA VAL A 125 -3.63 -7.49 -40.53
C VAL A 125 -3.37 -8.20 -41.85
N TYR A 126 -3.02 -7.40 -42.86
CA TYR A 126 -2.37 -7.90 -44.05
C TYR A 126 -0.89 -7.53 -43.98
N SER A 127 -0.05 -8.42 -44.47
CA SER A 127 1.37 -8.38 -44.14
C SER A 127 2.21 -8.88 -45.30
N LYS A 128 3.46 -8.44 -45.31
CA LYS A 128 4.44 -8.83 -46.31
C LYS A 128 5.82 -8.93 -45.66
N ARG A 129 6.47 -10.08 -45.84
CA ARG A 129 7.77 -10.38 -45.25
C ARG A 129 8.86 -10.33 -46.32
N PHE A 130 9.97 -9.66 -46.02
CA PHE A 130 11.11 -9.73 -46.92
C PHE A 130 12.35 -9.14 -46.26
N ILE A 131 13.48 -9.28 -46.97
CA ILE A 131 14.78 -8.80 -46.53
C ILE A 131 15.04 -7.45 -47.20
N VAL A 132 15.60 -6.52 -46.43
CA VAL A 132 15.81 -5.14 -46.85
C VAL A 132 17.27 -4.79 -46.67
N PRO A 133 17.94 -4.22 -47.68
CA PRO A 133 19.33 -3.77 -47.50
C PRO A 133 19.44 -2.46 -46.74
N ASP A 134 18.45 -1.58 -46.90
CA ASP A 134 18.52 -0.25 -46.31
C ASP A 134 17.10 0.27 -46.08
N PHE A 135 16.88 0.83 -44.89
CA PHE A 135 15.53 1.17 -44.44
C PHE A 135 14.82 2.11 -45.40
N SER A 136 15.57 3.05 -46.00
CA SER A 136 14.97 3.98 -46.96
C SER A 136 14.35 3.25 -48.14
N SER A 137 14.99 2.18 -48.59
CA SER A 137 14.40 1.39 -49.67
C SER A 137 13.10 0.72 -49.22
N TYR A 138 13.03 0.30 -47.96
CA TYR A 138 11.80 -0.27 -47.43
C TYR A 138 10.67 0.76 -47.45
N ILE A 139 10.97 2.00 -47.03
CA ILE A 139 10.00 3.08 -47.12
C ILE A 139 9.56 3.28 -48.57
N LYS A 140 10.50 3.18 -49.50
CA LYS A 140 10.15 3.44 -50.90
C LYS A 140 9.28 2.33 -51.48
N LEU A 141 9.51 1.08 -51.07
CA LEU A 141 8.78 -0.03 -51.68
C LEU A 141 7.44 -0.32 -51.04
N ILE A 142 7.17 0.14 -49.82
CA ILE A 142 5.86 -0.19 -49.23
C ILE A 142 4.63 0.43 -49.89
N PRO A 143 4.65 1.63 -50.50
CA PRO A 143 3.39 2.19 -51.04
C PRO A 143 2.83 1.38 -52.21
N PRO A 144 3.64 0.84 -53.13
CA PRO A 144 3.05 -0.09 -54.11
C PRO A 144 2.47 -1.34 -53.48
N ILE A 145 3.08 -1.81 -52.39
CA ILE A 145 2.52 -2.96 -51.66
C ILE A 145 1.13 -2.61 -51.13
N GLY A 146 0.94 -1.36 -50.71
CA GLY A 146 -0.39 -0.92 -50.35
C GLY A 146 -1.33 -0.80 -51.52
N GLN A 147 -0.82 -0.30 -52.66
CA GLN A 147 -1.67 -0.07 -53.82
C GLN A 147 -2.24 -1.38 -54.36
N GLU A 148 -1.39 -2.41 -54.47
CA GLU A 148 -1.84 -3.69 -55.00
C GLU A 148 -2.98 -4.28 -54.16
N VAL A 149 -2.81 -4.29 -52.84
CA VAL A 149 -3.81 -4.92 -51.99
C VAL A 149 -5.08 -4.07 -51.94
N MET A 150 -4.94 -2.73 -51.99
CA MET A 150 -6.14 -1.92 -51.90
C MET A 150 -6.95 -1.99 -53.19
N LYS A 151 -6.30 -2.22 -54.33
CA LYS A 151 -7.06 -2.31 -55.58
C LYS A 151 -7.65 -3.70 -55.77
N ALA A 152 -6.90 -4.74 -55.38
CA ALA A 152 -7.28 -6.10 -55.75
C ALA A 152 -8.14 -6.80 -54.71
N ASN A 153 -8.79 -6.07 -53.81
CA ASN A 153 -9.58 -6.70 -52.76
C ASN A 153 -10.92 -5.99 -52.59
N PRO A 154 -12.02 -6.72 -52.49
CA PRO A 154 -13.32 -6.07 -52.28
C PRO A 154 -13.57 -5.78 -50.81
N GLY A 155 -14.04 -4.56 -50.54
CA GLY A 155 -14.37 -4.16 -49.19
C GLY A 155 -13.21 -4.15 -48.22
N LEU A 156 -12.07 -3.63 -48.62
CA LEU A 156 -10.90 -3.56 -47.75
C LEU A 156 -10.95 -2.24 -46.98
N THR A 157 -11.57 -2.25 -45.81
CA THR A 157 -11.78 -1.05 -45.01
C THR A 157 -10.86 -1.08 -43.81
N LEU A 158 -10.09 -0.01 -43.62
CA LEU A 158 -9.17 0.07 -42.50
C LEU A 158 -9.93 0.22 -41.18
N THR A 159 -9.18 0.16 -40.09
CA THR A 159 -9.76 0.23 -38.76
C THR A 159 -9.85 1.68 -38.28
N THR A 160 -10.53 1.85 -37.15
CA THR A 160 -10.64 3.16 -36.49
C THR A 160 -10.23 2.99 -35.03
N PRO A 161 -9.06 3.50 -34.62
CA PRO A 161 -8.12 4.29 -35.42
C PRO A 161 -7.23 3.44 -36.33
N ALA A 162 -6.24 4.08 -36.95
CA ALA A 162 -5.36 3.42 -37.90
C ALA A 162 -4.18 2.83 -37.16
N TYR A 163 -3.94 1.53 -37.36
CA TYR A 163 -2.82 0.81 -36.77
C TYR A 163 -2.00 0.19 -37.90
N CYS A 164 -0.88 0.81 -38.23
CA CYS A 164 0.05 0.26 -39.21
C CYS A 164 1.44 0.25 -38.60
N PHE A 165 2.14 -0.87 -38.80
CA PHE A 165 3.38 -1.09 -38.07
C PHE A 165 4.29 -2.06 -38.82
N THR A 166 5.49 -2.20 -38.28
CA THR A 166 6.57 -3.00 -38.84
C THR A 166 7.09 -3.94 -37.78
N LEU A 167 7.30 -5.21 -38.17
CA LEU A 167 7.82 -6.25 -37.29
C LEU A 167 9.28 -6.52 -37.63
N TYR A 168 10.13 -6.52 -36.61
CA TYR A 168 11.55 -6.86 -36.72
C TYR A 168 11.75 -8.27 -36.20
N HIS A 169 12.11 -9.19 -37.10
CA HIS A 169 12.32 -10.59 -36.74
C HIS A 169 13.78 -10.92 -36.50
N ASP A 170 14.65 -9.93 -36.44
CA ASP A 170 16.07 -10.17 -36.21
C ASP A 170 16.38 -10.11 -34.72
N LYS A 171 17.41 -10.87 -34.32
CA LYS A 171 17.77 -10.95 -32.90
C LYS A 171 18.66 -9.80 -32.49
N GLU A 172 19.75 -9.56 -33.21
CA GLU A 172 20.61 -8.41 -32.98
C GLU A 172 20.65 -7.57 -34.24
N TYR A 173 20.23 -6.31 -34.12
CA TYR A 173 20.06 -5.45 -35.28
C TYR A 173 21.39 -5.21 -36.00
N LYS A 174 21.29 -5.00 -37.31
CA LYS A 174 22.44 -4.68 -38.13
C LYS A 174 21.97 -3.91 -39.37
N GLU A 175 22.76 -2.93 -39.77
CA GLU A 175 22.41 -2.04 -40.88
C GLU A 175 22.56 -2.69 -42.25
N LYS A 176 23.24 -3.83 -42.34
CA LYS A 176 23.50 -4.41 -43.65
C LYS A 176 22.23 -5.00 -44.26
N ASN A 177 21.61 -5.97 -43.57
CA ASN A 177 20.38 -6.60 -44.01
C ASN A 177 19.41 -6.63 -42.85
N MET A 178 18.12 -6.67 -43.17
CA MET A 178 17.08 -6.66 -42.15
C MET A 178 15.93 -7.56 -42.61
N ASP A 179 15.63 -8.58 -41.83
CA ASP A 179 14.44 -9.41 -42.04
C ASP A 179 13.26 -8.68 -41.43
N VAL A 180 12.44 -8.03 -42.27
CA VAL A 180 11.37 -7.19 -41.78
C VAL A 180 10.04 -7.67 -42.32
N GLU A 181 8.98 -7.18 -41.69
CA GLU A 181 7.62 -7.45 -42.13
C GLU A 181 6.80 -6.17 -42.01
N PHE A 182 5.96 -5.91 -43.00
CA PHE A 182 5.03 -4.78 -42.97
C PHE A 182 3.64 -5.30 -42.69
N CYS A 183 2.93 -4.66 -41.74
CA CYS A 183 1.61 -5.08 -41.31
C CYS A 183 0.68 -3.88 -41.25
N GLU A 184 -0.54 -4.03 -41.78
CA GLU A 184 -1.56 -3.01 -41.63
C GLU A 184 -2.89 -3.66 -41.27
N ALA A 185 -3.59 -3.05 -40.32
CA ALA A 185 -4.77 -3.68 -39.71
C ALA A 185 -6.03 -3.40 -40.52
N VAL A 186 -6.82 -4.45 -40.73
CA VAL A 186 -8.07 -4.37 -41.48
C VAL A 186 -9.18 -4.98 -40.64
N ASN A 187 -10.39 -4.95 -41.19
CA ASN A 187 -11.57 -5.39 -40.44
C ASN A 187 -11.91 -6.86 -40.66
N ASP A 188 -11.90 -7.34 -41.90
CA ASP A 188 -12.38 -8.67 -42.21
C ASP A 188 -11.32 -9.45 -42.99
N PHE A 189 -11.59 -10.75 -43.15
CA PHE A 189 -10.75 -11.64 -43.95
C PHE A 189 -11.12 -11.55 -45.43
N GLY A 190 -10.40 -12.30 -46.24
CA GLY A 190 -10.61 -12.26 -47.67
C GLY A 190 -9.75 -13.27 -48.39
N LYS A 191 -9.38 -12.93 -49.62
CA LYS A 191 -8.55 -13.80 -50.45
C LYS A 191 -7.11 -13.33 -50.45
N ASN A 192 -6.20 -14.28 -50.53
CA ASN A 192 -4.77 -14.03 -50.50
C ASN A 192 -4.19 -14.10 -51.91
N GLU A 193 -3.08 -13.40 -52.12
CA GLU A 193 -2.42 -13.40 -53.42
C GLU A 193 -1.01 -12.86 -53.28
N GLY A 194 -0.16 -13.23 -54.23
CA GLY A 194 1.18 -12.68 -54.31
C GLY A 194 2.04 -13.06 -53.12
N ASN A 195 2.80 -12.08 -52.63
CA ASN A 195 3.67 -12.24 -51.47
C ASN A 195 3.04 -11.71 -50.19
N ILE A 196 1.82 -11.18 -50.27
CA ILE A 196 1.14 -10.57 -49.14
C ILE A 196 0.03 -11.50 -48.68
N ILE A 197 -0.21 -11.54 -47.38
CA ILE A 197 -1.18 -12.47 -46.80
C ILE A 197 -1.89 -11.85 -45.60
N PHE A 198 -3.02 -12.45 -45.25
CA PHE A 198 -3.78 -12.06 -44.07
C PHE A 198 -3.39 -12.95 -42.89
N GLN A 199 -3.34 -12.35 -41.70
CA GLN A 199 -3.04 -13.12 -40.51
C GLN A 199 -3.49 -12.38 -39.27
N VAL A 200 -3.72 -13.13 -38.21
CA VAL A 200 -4.09 -12.59 -36.90
C VAL A 200 -2.83 -12.39 -36.08
N ILE A 201 -2.82 -11.33 -35.29
CA ILE A 201 -1.72 -11.02 -34.37
C ILE A 201 -2.31 -11.01 -32.96
N PRO A 202 -1.79 -11.81 -32.04
CA PRO A 202 -2.40 -11.92 -30.71
C PRO A 202 -2.06 -10.72 -29.83
N ALA A 203 -2.79 -10.62 -28.73
CA ALA A 203 -2.64 -9.52 -27.79
C ALA A 203 -1.32 -9.62 -27.03
N ILE A 204 -0.79 -8.47 -26.64
CA ILE A 204 0.45 -8.42 -25.87
C ILE A 204 0.35 -7.37 -24.77
N THR A 205 1.26 -7.47 -23.81
CA THR A 205 1.48 -6.47 -22.79
C THR A 205 2.87 -5.90 -23.00
N ALA A 206 2.96 -4.63 -23.37
CA ALA A 206 4.20 -4.08 -23.88
C ALA A 206 4.56 -2.79 -23.15
N VAL A 207 5.87 -2.53 -23.10
CA VAL A 207 6.39 -1.24 -22.66
C VAL A 207 6.66 -0.40 -23.89
N THR A 208 6.13 0.82 -23.90
CA THR A 208 6.16 1.67 -25.07
C THR A 208 6.78 3.03 -24.76
N VAL A 209 7.40 3.60 -25.80
CA VAL A 209 7.81 5.01 -25.80
C VAL A 209 7.38 5.62 -27.12
N ILE A 210 7.40 6.95 -27.17
CA ILE A 210 7.02 7.73 -28.34
C ILE A 210 8.20 8.58 -28.76
N HIS A 211 8.53 8.52 -30.05
CA HIS A 211 9.65 9.26 -30.63
C HIS A 211 9.13 10.34 -31.55
N LYS A 212 9.65 11.56 -31.40
CA LYS A 212 9.21 12.70 -32.19
C LYS A 212 10.40 13.28 -32.94
N GLY A 213 10.25 13.44 -34.25
CA GLY A 213 11.29 13.95 -35.09
C GLY A 213 11.49 13.11 -36.35
N PRO A 214 12.66 13.21 -36.95
CA PRO A 214 12.98 12.38 -38.11
C PRO A 214 13.34 10.96 -37.70
N TYR A 215 13.47 10.10 -38.71
CA TYR A 215 13.77 8.70 -38.45
C TYR A 215 15.23 8.44 -38.10
N ASP A 216 16.13 9.36 -38.45
CA ASP A 216 17.56 9.14 -38.33
C ASP A 216 18.05 9.14 -36.88
N SER A 217 17.15 9.28 -35.91
CA SER A 217 17.49 9.16 -34.50
C SER A 217 16.78 7.99 -33.84
N LEU A 218 16.06 7.17 -34.61
CA LEU A 218 15.20 6.14 -34.02
C LEU A 218 15.97 5.14 -33.18
N ARG A 219 17.23 4.87 -33.55
CA ARG A 219 18.03 3.92 -32.78
C ARG A 219 18.21 4.40 -31.34
N ASN A 220 18.28 5.73 -31.14
CA ASN A 220 18.40 6.27 -29.79
C ASN A 220 17.23 5.86 -28.90
N ALA A 221 16.09 5.53 -29.49
CA ALA A 221 14.98 5.03 -28.69
C ALA A 221 15.25 3.61 -28.21
N TYR A 222 15.74 2.75 -29.10
CA TYR A 222 15.90 1.34 -28.77
C TYR A 222 16.91 1.15 -27.63
N ILE A 223 18.04 1.85 -27.71
CA ILE A 223 19.05 1.78 -26.65
C ILE A 223 18.45 2.14 -25.30
N TYR A 224 17.40 2.96 -25.28
CA TYR A 224 16.73 3.26 -24.02
C TYR A 224 15.99 2.03 -23.50
N LEU A 225 15.15 1.42 -24.34
CA LEU A 225 14.31 0.33 -23.87
C LEU A 225 15.12 -0.91 -23.55
N MET A 226 16.20 -1.16 -24.31
CA MET A 226 17.11 -2.25 -23.96
C MET A 226 17.70 -2.06 -22.57
N GLN A 227 17.79 -0.82 -22.09
CA GLN A 227 18.19 -0.59 -20.71
C GLN A 227 17.03 -0.86 -19.76
N TRP A 228 15.83 -0.43 -20.12
CA TRP A 228 14.69 -0.48 -19.20
C TRP A 228 14.31 -1.92 -18.89
N VAL A 229 14.44 -2.82 -19.86
CA VAL A 229 14.15 -4.23 -19.61
C VAL A 229 15.29 -4.88 -18.84
N GLU A 230 16.48 -4.29 -18.86
CA GLU A 230 17.62 -4.89 -18.18
C GLU A 230 17.66 -4.52 -16.70
N ASP A 231 17.31 -3.28 -16.37
CA ASP A 231 17.37 -2.83 -14.99
C ASP A 231 16.20 -3.38 -14.18
N ASN A 232 14.99 -3.21 -14.68
CA ASN A 232 13.78 -3.46 -13.90
C ASN A 232 13.34 -4.91 -13.92
N GLY A 233 14.21 -5.82 -14.34
CA GLY A 233 13.94 -7.24 -14.21
C GLY A 233 12.80 -7.76 -15.06
N TYR A 234 12.83 -7.46 -16.34
CA TYR A 234 11.86 -7.97 -17.30
C TYR A 234 12.59 -8.80 -18.36
N LEU A 235 11.83 -9.48 -19.18
CA LEU A 235 12.37 -10.37 -20.20
C LEU A 235 11.65 -10.11 -21.52
N LEU A 236 12.42 -9.95 -22.59
CA LEU A 236 11.89 -9.68 -23.92
C LEU A 236 11.40 -10.99 -24.53
N THR A 237 10.08 -11.10 -24.74
CA THR A 237 9.46 -12.37 -25.08
C THR A 237 9.12 -12.53 -26.56
N ASN A 238 9.14 -11.46 -27.35
CA ASN A 238 8.64 -11.53 -28.71
C ASN A 238 9.30 -10.44 -29.53
N SER A 239 8.93 -10.39 -30.82
CA SER A 239 9.53 -9.41 -31.72
C SER A 239 8.99 -8.02 -31.44
N PRO A 240 9.83 -6.99 -31.50
CA PRO A 240 9.35 -5.62 -31.30
C PRO A 240 8.45 -5.18 -32.44
N ARG A 241 7.75 -4.07 -32.22
CA ARG A 241 6.90 -3.46 -33.24
C ARG A 241 7.26 -2.00 -33.39
N GLU A 242 7.01 -1.46 -34.57
CA GLU A 242 7.23 -0.04 -34.86
C GLU A 242 5.98 0.50 -35.54
N SER A 243 5.19 1.29 -34.83
CA SER A 243 3.91 1.77 -35.31
C SER A 243 4.03 3.23 -35.73
N TYR A 244 3.35 3.59 -36.83
CA TYR A 244 3.52 4.91 -37.43
C TYR A 244 2.29 5.77 -37.17
N ILE A 245 2.52 6.96 -36.61
CA ILE A 245 1.42 7.86 -36.25
C ILE A 245 1.34 9.06 -37.18
N ASP A 246 2.45 9.78 -37.37
CA ASP A 246 2.43 11.02 -38.14
C ASP A 246 3.66 11.07 -39.04
N GLY A 247 3.43 11.30 -40.32
CA GLY A 247 4.49 11.27 -41.31
C GLY A 247 4.18 12.17 -42.49
N ILE A 248 4.78 11.84 -43.62
CA ILE A 248 4.62 12.64 -44.84
C ILE A 248 3.18 12.65 -45.34
N TRP A 249 2.37 11.67 -44.94
CA TRP A 249 1.01 11.59 -45.46
C TRP A 249 0.07 12.55 -44.76
N ASN A 250 0.47 13.12 -43.62
CA ASN A 250 -0.34 14.13 -42.94
C ASN A 250 0.34 15.47 -42.82
N LYS A 251 1.66 15.52 -42.86
CA LYS A 251 2.39 16.74 -42.54
C LYS A 251 3.43 17.01 -43.62
N GLN A 252 4.07 18.17 -43.50
CA GLN A 252 5.14 18.55 -44.43
C GLN A 252 6.48 18.71 -43.75
N ASP A 253 6.50 19.01 -42.45
CA ASP A 253 7.74 19.21 -41.72
C ASP A 253 8.13 17.92 -41.01
N SER A 254 9.33 17.41 -41.33
CA SER A 254 9.78 16.14 -40.76
C SER A 254 10.12 16.26 -39.29
N ALA A 255 10.38 17.46 -38.78
CA ALA A 255 10.68 17.63 -37.36
C ALA A 255 9.43 17.60 -36.50
N GLU A 256 8.25 17.35 -37.09
CA GLU A 256 7.01 17.18 -36.34
C GLU A 256 6.33 15.86 -36.66
N TRP A 257 7.08 14.89 -37.20
CA TRP A 257 6.57 13.53 -37.34
C TRP A 257 6.51 12.87 -35.97
N MET A 258 5.87 11.70 -35.92
CA MET A 258 5.70 11.04 -34.62
C MET A 258 5.51 9.54 -34.80
N THR A 259 6.28 8.75 -34.06
CA THR A 259 6.21 7.30 -34.14
C THR A 259 6.25 6.72 -32.73
N GLU A 260 6.03 5.41 -32.64
CA GLU A 260 5.92 4.73 -31.35
C GLU A 260 6.65 3.41 -31.37
N ILE A 261 7.51 3.18 -30.38
CA ILE A 261 8.28 1.95 -30.26
C ILE A 261 7.71 1.12 -29.11
N GLN A 262 7.50 -0.16 -29.38
CA GLN A 262 6.80 -1.07 -28.47
C GLN A 262 7.62 -2.34 -28.27
N PHE A 263 7.82 -2.72 -27.01
CA PHE A 263 8.54 -3.94 -26.64
C PHE A 263 7.63 -4.86 -25.87
N PRO A 264 7.31 -6.05 -26.36
CA PRO A 264 6.54 -7.01 -25.56
C PRO A 264 7.44 -7.72 -24.57
N VAL A 265 7.07 -7.67 -23.27
CA VAL A 265 7.91 -8.15 -22.20
C VAL A 265 7.08 -8.96 -21.21
N GLU A 266 7.79 -9.68 -20.33
CA GLU A 266 7.19 -10.38 -19.20
C GLU A 266 8.05 -10.12 -17.97
N LYS A 267 7.49 -10.46 -16.80
CA LYS A 267 8.15 -10.19 -15.53
C LYS A 267 8.96 -11.40 -15.10
N VAL A 268 10.29 -11.26 -15.11
CA VAL A 268 11.19 -12.35 -14.75
C VAL A 268 12.23 -11.87 -13.74
N SER B 1 -9.76 15.55 -33.87
CA SER B 1 -10.68 14.42 -33.79
C SER B 1 -11.57 14.52 -32.56
N GLN B 2 -12.78 14.00 -32.67
CA GLN B 2 -13.74 14.11 -31.58
C GLN B 2 -13.33 13.22 -30.41
N ILE B 3 -14.04 13.40 -29.29
CA ILE B 3 -13.58 12.82 -28.04
C ILE B 3 -13.77 11.30 -28.03
N GLY B 4 -14.79 10.79 -28.72
CA GLY B 4 -15.02 9.36 -28.72
C GLY B 4 -13.96 8.57 -29.44
N LEU B 5 -13.33 9.17 -30.46
CA LEU B 5 -12.25 8.51 -31.16
C LEU B 5 -10.94 8.64 -30.41
N PHE B 6 -10.70 9.80 -29.82
CA PHE B 6 -9.49 10.01 -29.02
C PHE B 6 -9.46 9.08 -27.81
N SER B 7 -10.62 8.80 -27.22
CA SER B 7 -10.65 7.85 -26.10
C SER B 7 -10.30 6.45 -26.57
N LYS B 8 -10.52 6.13 -27.84
CA LYS B 8 -10.09 4.85 -28.38
C LYS B 8 -8.61 4.86 -28.70
N ILE B 9 -8.07 6.00 -29.11
CA ILE B 9 -6.63 6.10 -29.35
C ILE B 9 -5.86 5.98 -28.05
N CYS B 10 -6.35 6.61 -26.97
CA CYS B 10 -5.69 6.59 -25.68
C CYS B 10 -6.04 5.37 -24.84
N ARG B 11 -7.09 4.63 -25.20
CA ARG B 11 -7.56 3.45 -24.47
C ARG B 11 -7.97 3.79 -23.05
N VAL B 12 -8.70 4.89 -22.89
CA VAL B 12 -9.28 5.28 -21.61
C VAL B 12 -10.75 5.59 -21.82
N THR B 13 -11.42 5.94 -20.74
CA THR B 13 -12.83 6.31 -20.77
C THR B 13 -12.99 7.78 -21.11
N ILE B 14 -14.24 8.20 -21.28
CA ILE B 14 -14.54 9.59 -21.59
C ILE B 14 -14.62 10.42 -20.32
N LYS B 15 -15.16 9.83 -19.24
CA LYS B 15 -15.20 10.52 -17.96
C LYS B 15 -13.80 10.90 -17.48
N THR B 16 -12.79 10.10 -17.81
CA THR B 16 -11.42 10.45 -17.47
C THR B 16 -10.98 11.73 -18.17
N LEU B 17 -11.28 11.85 -19.46
CA LEU B 17 -10.90 13.04 -20.20
C LEU B 17 -11.66 14.26 -19.72
N HIS B 18 -12.95 14.09 -19.40
CA HIS B 18 -13.73 15.19 -18.84
C HIS B 18 -13.14 15.67 -17.51
N TYR B 19 -12.82 14.72 -16.62
CA TYR B 19 -12.23 15.07 -15.33
C TYR B 19 -10.90 15.78 -15.50
N TYR B 20 -10.07 15.30 -16.42
CA TYR B 20 -8.78 15.94 -16.66
C TYR B 20 -8.96 17.36 -17.17
N ASN B 21 -9.90 17.56 -18.09
CA ASN B 21 -10.16 18.91 -18.60
C ASN B 21 -10.71 19.82 -17.51
N LYS B 22 -11.45 19.26 -16.56
CA LYS B 22 -11.99 20.07 -15.46
C LYS B 22 -10.89 20.51 -14.51
N ILE B 23 -10.05 19.57 -14.06
CA ILE B 23 -9.01 19.91 -13.09
C ILE B 23 -7.85 20.70 -13.68
N GLY B 24 -7.83 20.88 -15.00
CA GLY B 24 -6.78 21.65 -15.64
C GLY B 24 -5.62 20.85 -16.18
N LEU B 25 -5.83 19.58 -16.51
CA LEU B 25 -4.78 18.71 -17.05
C LEU B 25 -5.23 18.21 -18.42
N LEU B 26 -4.39 18.39 -19.43
CA LEU B 26 -4.72 18.02 -20.81
C LEU B 26 -6.04 18.67 -21.25
N VAL B 27 -6.03 19.99 -21.26
CA VAL B 27 -7.17 20.76 -21.79
C VAL B 27 -7.22 20.60 -23.31
N PRO B 28 -8.40 20.37 -23.91
CA PRO B 28 -8.46 20.05 -25.34
C PRO B 28 -8.01 21.20 -26.22
N ALA B 29 -7.79 20.86 -27.49
CA ALA B 29 -7.22 21.82 -28.43
C ALA B 29 -8.20 22.92 -28.78
N TYR B 30 -9.39 22.55 -29.26
CA TYR B 30 -10.36 23.50 -29.78
C TYR B 30 -11.74 23.09 -29.33
N ILE B 31 -12.36 23.91 -28.48
CA ILE B 31 -13.74 23.73 -28.05
C ILE B 31 -14.61 24.66 -28.88
N ASN B 32 -15.60 24.10 -29.56
CA ASN B 32 -16.54 24.89 -30.33
C ASN B 32 -17.58 25.50 -29.41
N PRO B 33 -17.85 26.81 -29.50
CA PRO B 33 -18.70 27.46 -28.50
C PRO B 33 -20.19 27.27 -28.71
N ASP B 34 -20.64 26.95 -29.93
CA ASP B 34 -22.07 26.81 -30.18
C ASP B 34 -22.61 25.56 -29.49
N ASN B 35 -22.06 24.40 -29.84
CA ASN B 35 -22.53 23.13 -29.30
C ASN B 35 -21.77 22.69 -28.06
N GLY B 36 -20.50 23.05 -27.94
CA GLY B 36 -19.73 22.73 -26.75
C GLY B 36 -18.84 21.51 -26.86
N TYR B 37 -18.52 21.07 -28.07
CA TYR B 37 -17.79 19.83 -28.27
C TYR B 37 -16.30 20.03 -28.03
N ARG B 38 -15.59 18.92 -27.85
CA ARG B 38 -14.16 18.91 -27.62
C ARG B 38 -13.47 18.19 -28.76
N PHE B 39 -12.47 18.83 -29.34
CA PHE B 39 -11.70 18.27 -30.44
C PHE B 39 -10.24 18.18 -30.05
N TYR B 40 -9.67 16.98 -30.19
CA TYR B 40 -8.30 16.71 -29.80
C TYR B 40 -7.43 16.49 -31.03
N THR B 41 -6.14 16.79 -30.88
CA THR B 41 -5.16 16.67 -31.95
C THR B 41 -4.12 15.62 -31.58
N SER B 42 -3.24 15.33 -32.54
CA SER B 42 -2.13 14.42 -32.27
C SER B 42 -1.13 15.00 -31.29
N ASP B 43 -1.24 16.28 -30.96
CA ASP B 43 -0.36 16.90 -29.99
C ASP B 43 -0.68 16.46 -28.56
N GLN B 44 -1.91 16.00 -28.32
CA GLN B 44 -2.35 15.61 -26.99
C GLN B 44 -1.92 14.21 -26.61
N LEU B 45 -1.61 13.37 -27.60
CA LEU B 45 -1.20 12.00 -27.31
C LEU B 45 0.12 11.96 -26.58
N MET B 46 1.07 12.79 -26.99
CA MET B 46 2.39 12.80 -26.36
C MET B 46 2.37 13.39 -24.96
N LYS B 47 1.27 14.03 -24.57
CA LYS B 47 1.12 14.48 -23.19
C LYS B 47 0.36 13.46 -22.36
N PHE B 48 -0.64 12.80 -22.94
CA PHE B 48 -1.30 11.73 -22.22
C PHE B 48 -0.35 10.59 -21.91
N HIS B 49 0.58 10.29 -22.81
CA HIS B 49 1.57 9.26 -22.54
C HIS B 49 2.40 9.61 -21.30
N GLN B 50 2.80 10.87 -21.18
CA GLN B 50 3.55 11.30 -20.01
C GLN B 50 2.72 11.23 -18.74
N ILE B 51 1.45 11.62 -18.83
CA ILE B 51 0.57 11.55 -17.66
C ILE B 51 0.47 10.12 -17.17
N ALA B 52 0.20 9.18 -18.07
CA ALA B 52 0.09 7.78 -17.67
C ALA B 52 1.41 7.21 -17.16
N SER B 53 2.54 7.62 -17.74
CA SER B 53 3.83 7.15 -17.27
C SER B 53 4.10 7.61 -15.84
N LEU B 54 3.78 8.87 -15.53
CA LEU B 54 3.95 9.35 -14.17
C LEU B 54 2.94 8.71 -13.22
N ARG B 55 1.75 8.40 -13.71
CA ARG B 55 0.73 7.78 -12.89
C ARG B 55 1.05 6.33 -12.55
N GLN B 56 1.80 5.63 -13.41
CA GLN B 56 2.16 4.25 -13.14
C GLN B 56 3.20 4.09 -12.04
N LEU B 57 3.81 5.18 -11.58
CA LEU B 57 4.78 5.15 -10.50
C LEU B 57 4.17 5.50 -9.16
N GLY B 58 2.85 5.62 -9.08
CA GLY B 58 2.17 5.83 -7.83
C GLY B 58 1.91 7.28 -7.44
N PHE B 59 2.33 8.24 -8.26
CA PHE B 59 2.13 9.64 -7.92
C PHE B 59 0.65 10.00 -7.93
N THR B 60 0.30 11.04 -7.18
CA THR B 60 -1.07 11.52 -7.10
C THR B 60 -1.30 12.64 -8.11
N ILE B 61 -2.57 13.01 -8.27
CA ILE B 61 -2.95 13.94 -9.32
C ILE B 61 -2.29 15.30 -9.12
N THR B 62 -2.32 15.81 -7.89
CA THR B 62 -1.68 17.09 -7.60
C THR B 62 -0.17 17.05 -7.82
N GLU B 63 0.47 15.92 -7.53
CA GLU B 63 1.89 15.78 -7.81
C GLU B 63 2.15 15.81 -9.32
N ILE B 64 1.27 15.20 -10.11
CA ILE B 64 1.46 15.19 -11.56
C ILE B 64 1.24 16.60 -12.12
N VAL B 65 0.29 17.33 -11.57
CA VAL B 65 0.09 18.71 -11.99
C VAL B 65 1.30 19.56 -11.62
N THR B 66 1.89 19.31 -10.46
CA THR B 66 3.04 20.11 -10.02
C THR B 66 4.32 19.71 -10.76
N LEU B 67 4.37 18.49 -11.31
CA LEU B 67 5.60 18.01 -11.93
C LEU B 67 5.73 18.48 -13.37
N THR B 68 4.64 18.46 -14.13
CA THR B 68 4.75 18.71 -15.56
C THR B 68 4.97 20.17 -15.89
N GLN B 69 4.80 21.08 -14.91
CA GLN B 69 4.99 22.49 -15.16
C GLN B 69 6.14 23.12 -14.37
N ASP B 70 6.54 22.51 -13.25
CA ASP B 70 7.63 23.00 -12.41
C ASP B 70 8.86 22.10 -12.47
N GLU B 71 9.14 21.55 -13.66
CA GLU B 71 10.04 20.40 -13.84
C GLU B 71 11.39 20.52 -13.13
N ASN B 72 11.81 21.73 -12.75
CA ASN B 72 13.02 21.86 -11.96
C ASN B 72 12.87 21.23 -10.58
N SER B 73 11.68 21.29 -9.98
CA SER B 73 11.43 20.75 -8.66
C SER B 73 11.42 19.22 -8.74
N CYS B 74 12.39 18.58 -8.09
CA CYS B 74 12.54 17.14 -8.15
C CYS B 74 12.54 16.44 -6.80
N HIS B 75 12.40 17.17 -5.69
CA HIS B 75 12.44 16.52 -4.37
C HIS B 75 11.18 15.71 -4.08
N ILE B 76 10.12 15.90 -4.86
CA ILE B 76 8.92 15.07 -4.74
C ILE B 76 9.26 13.61 -5.02
N ILE B 77 10.24 13.38 -5.90
CA ILE B 77 10.61 12.01 -6.24
C ILE B 77 11.22 11.30 -5.04
N GLU B 78 12.11 11.97 -4.30
CA GLU B 78 12.63 11.39 -3.08
C GLU B 78 11.55 11.26 -2.01
N ARG B 79 10.64 12.24 -1.96
CA ARG B 79 9.54 12.18 -1.00
C ARG B 79 8.67 10.95 -1.23
N ARG B 80 8.54 10.52 -2.48
CA ARG B 80 7.82 9.29 -2.78
C ARG B 80 8.68 8.06 -2.56
N ARG B 81 9.98 8.17 -2.82
CA ARG B 81 10.89 7.04 -2.69
C ARG B 81 10.99 6.57 -1.24
N LEU B 82 10.90 7.50 -0.29
CA LEU B 82 10.96 7.09 1.11
C LEU B 82 9.66 6.42 1.55
N GLU B 83 8.52 6.96 1.10
CA GLU B 83 7.23 6.39 1.46
C GLU B 83 7.05 4.98 0.90
N ILE B 84 7.63 4.71 -0.27
CA ILE B 84 7.56 3.35 -0.82
C ILE B 84 8.23 2.36 0.12
N GLN B 85 9.42 2.70 0.61
CA GLN B 85 10.14 1.81 1.52
C GLN B 85 9.41 1.65 2.84
N LYS B 86 8.83 2.73 3.36
CA LYS B 86 8.04 2.62 4.58
C LYS B 86 6.86 1.66 4.40
N GLN B 87 6.16 1.77 3.27
CA GLN B 87 5.04 0.87 3.02
C GLN B 87 5.50 -0.58 2.89
N ILE B 88 6.67 -0.79 2.27
CA ILE B 88 7.20 -2.15 2.15
C ILE B 88 7.48 -2.73 3.53
N ARG B 89 8.11 -1.95 4.39
CA ARG B 89 8.41 -2.43 5.74
C ARG B 89 7.14 -2.72 6.54
N ASP B 90 6.07 -1.95 6.32
CA ASP B 90 4.83 -2.23 7.03
C ASP B 90 4.15 -3.50 6.52
N MET B 91 4.10 -3.70 5.21
CA MET B 91 3.45 -4.89 4.67
C MET B 91 4.22 -6.15 5.05
N ALA B 92 5.56 -6.07 5.09
CA ALA B 92 6.35 -7.23 5.47
C ALA B 92 6.18 -7.61 6.93
N ASP B 93 5.63 -6.71 7.75
CA ASP B 93 5.34 -7.02 9.14
C ASP B 93 3.91 -7.57 9.30
N MET B 94 2.96 -6.96 8.59
CA MET B 94 1.60 -7.50 8.58
C MET B 94 1.58 -8.93 8.08
N LEU B 95 2.44 -9.27 7.12
CA LEU B 95 2.48 -10.63 6.60
C LEU B 95 2.88 -11.63 7.68
N SER B 96 3.95 -11.31 8.43
CA SER B 96 4.42 -12.22 9.47
C SER B 96 3.41 -12.35 10.59
N ARG B 97 2.71 -11.26 10.92
CA ARG B 97 1.72 -11.35 11.99
C ARG B 97 0.50 -12.15 11.55
N ILE B 98 0.09 -12.04 10.29
CA ILE B 98 -0.97 -12.89 9.76
C ILE B 98 -0.53 -14.35 9.78
N ASN B 99 0.74 -14.61 9.45
CA ASN B 99 1.25 -15.98 9.48
C ASN B 99 1.22 -16.56 10.89
N HIS B 100 1.63 -15.77 11.88
CA HIS B 100 1.55 -16.22 13.27
C HIS B 100 0.11 -16.47 13.69
N TYR B 101 -0.82 -15.61 13.26
CA TYR B 101 -2.23 -15.79 13.57
C TYR B 101 -2.75 -17.12 13.04
N LEU B 102 -2.48 -17.40 11.76
CA LEU B 102 -2.94 -18.66 11.17
C LEU B 102 -2.26 -19.86 11.78
N GLN B 103 -0.97 -19.75 12.12
CA GLN B 103 -0.26 -20.86 12.74
C GLN B 103 -0.84 -21.17 14.10
N HIS B 104 -1.15 -20.14 14.88
CA HIS B 104 -1.71 -20.36 16.21
C HIS B 104 -3.12 -20.93 16.14
N LYS B 105 -3.99 -20.32 15.36
CA LYS B 105 -5.36 -20.81 15.24
C LYS B 105 -5.43 -22.14 14.49
N LYS B 106 -4.34 -22.58 13.85
CA LYS B 106 -4.36 -23.83 13.09
C LYS B 106 -4.67 -25.02 13.98
N LYS B 107 -3.81 -25.29 14.96
CA LYS B 107 -3.97 -26.47 15.80
C LYS B 107 -4.96 -26.27 16.93
N GLU B 108 -4.94 -25.14 17.62
CA GLU B 108 -5.92 -24.83 18.65
C GLU B 108 -7.17 -24.31 17.98
N ARG B 109 -8.33 -24.86 18.36
CA ARG B 109 -9.57 -24.48 17.69
C ARG B 109 -9.94 -23.03 17.99
N ILE B 110 -9.70 -22.58 19.23
CA ILE B 110 -10.00 -21.22 19.63
C ILE B 110 -8.77 -20.65 20.33
N MET B 111 -8.72 -19.32 20.42
CA MET B 111 -7.61 -18.62 21.05
C MET B 111 -8.16 -17.59 22.01
N LEU B 112 -7.53 -17.47 23.18
CA LEU B 112 -7.97 -16.54 24.21
C LEU B 112 -7.31 -15.17 24.10
N TYR B 113 -6.00 -15.15 23.89
CA TYR B 113 -5.22 -13.92 23.96
C TYR B 113 -5.03 -13.34 22.57
N GLN B 114 -5.27 -12.04 22.43
CA GLN B 114 -5.10 -11.32 21.17
C GLN B 114 -4.20 -10.12 21.44
N ALA B 115 -2.99 -10.16 20.90
CA ALA B 115 -2.00 -9.13 21.19
C ALA B 115 -2.23 -7.90 20.33
N ALA B 116 -1.81 -6.74 20.84
CA ALA B 116 -1.93 -5.52 20.06
C ALA B 116 -0.90 -4.50 20.53
N LEU B 117 -0.33 -3.74 19.61
CA LEU B 117 0.66 -2.74 19.94
C LEU B 117 0.01 -1.41 20.30
N LYS B 118 0.67 -0.67 21.19
CA LYS B 118 0.16 0.63 21.60
C LYS B 118 1.29 1.44 22.23
N GLU B 119 0.99 2.72 22.46
CA GLU B 119 1.93 3.67 23.04
C GLU B 119 1.50 4.01 24.46
N ILE B 120 2.47 4.13 25.36
CA ILE B 120 2.23 4.50 26.74
C ILE B 120 3.12 5.69 27.06
N PRO B 121 2.57 6.83 27.47
CA PRO B 121 3.39 8.02 27.74
C PRO B 121 4.05 7.95 29.11
N GLU B 122 4.92 8.92 29.36
CA GLU B 122 5.63 9.01 30.62
C GLU B 122 4.65 9.29 31.75
N CYS B 123 5.08 9.01 32.98
CA CYS B 123 4.21 9.23 34.13
C CYS B 123 5.04 9.46 35.38
N ILE B 124 4.42 10.09 36.37
CA ILE B 124 4.99 10.28 37.69
C ILE B 124 4.38 9.23 38.61
N VAL B 125 5.22 8.50 39.33
CA VAL B 125 4.74 7.43 40.20
C VAL B 125 5.38 7.53 41.56
N TYR B 126 4.69 6.99 42.56
CA TYR B 126 5.31 6.60 43.82
C TYR B 126 5.41 5.07 43.83
N SER B 127 6.52 4.58 44.35
CA SER B 127 6.85 3.17 44.20
C SER B 127 7.54 2.64 45.44
N LYS B 128 7.58 1.31 45.52
CA LYS B 128 8.26 0.58 46.58
C LYS B 128 8.70 -0.78 46.04
N ARG B 129 9.97 -1.12 46.25
CA ARG B 129 10.61 -2.27 45.62
C ARG B 129 11.17 -3.21 46.68
N PHE B 130 10.85 -4.50 46.57
CA PHE B 130 11.36 -5.47 47.53
C PHE B 130 11.23 -6.89 47.00
N ILE B 131 11.67 -7.84 47.83
CA ILE B 131 11.66 -9.27 47.53
C ILE B 131 10.49 -9.90 48.25
N VAL B 132 9.81 -10.84 47.59
CA VAL B 132 8.70 -11.56 48.22
C VAL B 132 8.95 -13.06 48.08
N PRO B 133 8.43 -13.88 49.01
CA PRO B 133 8.52 -15.33 48.81
C PRO B 133 7.53 -15.87 47.80
N ASP B 134 6.41 -15.19 47.60
CA ASP B 134 5.34 -15.70 46.76
C ASP B 134 4.50 -14.53 46.27
N PHE B 135 3.44 -14.82 45.53
CA PHE B 135 2.55 -13.79 45.02
C PHE B 135 1.46 -13.45 46.04
N SER B 136 1.00 -14.45 46.80
CA SER B 136 -0.10 -14.21 47.74
C SER B 136 0.32 -13.26 48.86
N SER B 137 1.54 -13.45 49.39
CA SER B 137 2.05 -12.52 50.38
C SER B 137 2.17 -11.11 49.81
N TYR B 138 2.49 -11.00 48.52
CA TYR B 138 2.54 -9.69 47.87
C TYR B 138 1.15 -9.04 47.86
N ILE B 139 0.14 -9.80 47.43
CA ILE B 139 -1.23 -9.27 47.38
C ILE B 139 -1.68 -8.84 48.77
N LYS B 140 -1.28 -9.59 49.80
CA LYS B 140 -1.69 -9.24 51.16
C LYS B 140 -0.93 -8.04 51.70
N LEU B 141 0.33 -7.85 51.30
CA LEU B 141 1.15 -6.78 51.84
C LEU B 141 1.03 -5.46 51.08
N ILE B 142 0.33 -5.44 49.94
CA ILE B 142 0.15 -4.18 49.20
C ILE B 142 -0.49 -3.06 50.02
N PRO B 143 -1.71 -3.22 50.58
CA PRO B 143 -2.52 -2.03 50.98
C PRO B 143 -1.88 -1.10 52.00
N PRO B 144 -1.00 -1.58 52.90
CA PRO B 144 -0.24 -0.62 53.71
C PRO B 144 0.52 0.43 52.93
N ILE B 145 1.07 0.07 51.76
CA ILE B 145 1.77 1.05 50.93
C ILE B 145 0.83 2.16 50.50
N GLY B 146 -0.41 1.80 50.17
CA GLY B 146 -1.38 2.81 49.79
C GLY B 146 -1.85 3.65 50.96
N GLN B 147 -1.91 3.07 52.15
CA GLN B 147 -2.38 3.83 53.30
C GLN B 147 -1.33 4.81 53.80
N GLU B 148 -0.06 4.41 53.79
CA GLU B 148 0.99 5.22 54.44
C GLU B 148 1.20 6.55 53.71
N VAL B 149 1.32 6.51 52.39
CA VAL B 149 1.60 7.72 51.63
C VAL B 149 0.44 8.69 51.73
N MET B 150 -0.79 8.18 51.74
CA MET B 150 -1.96 9.04 51.94
C MET B 150 -1.98 9.62 53.34
N LYS B 151 -1.45 8.88 54.32
CA LYS B 151 -1.36 9.42 55.67
C LYS B 151 -0.38 10.58 55.74
N ALA B 152 0.82 10.41 55.17
CA ALA B 152 1.88 11.40 55.32
C ALA B 152 1.82 12.53 54.32
N ASN B 153 1.15 12.35 53.17
CA ASN B 153 1.08 13.38 52.13
C ASN B 153 -0.35 13.86 52.00
N PRO B 154 -0.73 14.95 52.66
CA PRO B 154 -2.10 15.44 52.56
C PRO B 154 -2.37 16.09 51.22
N GLY B 155 -3.54 15.79 50.65
CA GLY B 155 -3.97 16.42 49.41
C GLY B 155 -3.35 15.85 48.15
N LEU B 156 -2.85 14.62 48.20
CA LEU B 156 -2.24 13.99 47.03
C LEU B 156 -3.33 13.35 46.19
N THR B 157 -3.45 13.79 44.94
CA THR B 157 -4.50 13.34 44.04
C THR B 157 -3.97 12.32 43.06
N LEU B 158 -4.80 11.33 42.74
CA LEU B 158 -4.47 10.36 41.70
C LEU B 158 -4.73 10.96 40.32
N THR B 159 -4.44 10.19 39.29
CA THR B 159 -4.70 10.60 37.92
C THR B 159 -6.04 10.06 37.43
N THR B 160 -6.45 10.54 36.26
CA THR B 160 -7.66 10.07 35.61
C THR B 160 -7.34 9.73 34.15
N PRO B 161 -7.45 8.46 33.73
CA PRO B 161 -7.87 7.33 34.55
C PRO B 161 -6.77 6.81 35.47
N ALA B 162 -7.06 5.77 36.25
CA ALA B 162 -6.12 5.25 37.23
C ALA B 162 -5.15 4.29 36.56
N TYR B 163 -3.89 4.36 36.96
CA TYR B 163 -2.82 3.51 36.43
C TYR B 163 -2.04 2.96 37.61
N CYS B 164 -2.23 1.67 37.90
CA CYS B 164 -1.66 1.02 39.08
C CYS B 164 -1.06 -0.31 38.66
N PHE B 165 0.26 -0.45 38.77
CA PHE B 165 0.91 -1.59 38.16
C PHE B 165 2.11 -2.04 39.00
N THR B 166 2.70 -3.15 38.56
CA THR B 166 3.89 -3.71 39.19
C THR B 166 4.90 -4.12 38.12
N LEU B 167 6.17 -4.00 38.48
CA LEU B 167 7.30 -4.30 37.61
C LEU B 167 8.06 -5.51 38.12
N TYR B 168 8.43 -6.38 37.19
CA TYR B 168 9.18 -7.60 37.47
C TYR B 168 10.60 -7.37 36.98
N HIS B 169 11.50 -7.03 37.89
CA HIS B 169 12.87 -6.68 37.54
C HIS B 169 13.76 -7.90 37.34
N ASP B 170 13.28 -9.10 37.64
CA ASP B 170 14.11 -10.28 37.47
C ASP B 170 14.17 -10.70 36.01
N LYS B 171 15.34 -11.18 35.60
CA LYS B 171 15.58 -11.48 34.19
C LYS B 171 14.81 -12.71 33.72
N GLU B 172 14.65 -13.71 34.58
CA GLU B 172 14.00 -14.95 34.20
C GLU B 172 12.70 -15.13 34.98
N TYR B 173 11.68 -15.64 34.30
CA TYR B 173 10.37 -15.83 34.91
C TYR B 173 10.45 -16.89 36.01
N LYS B 174 9.96 -16.54 37.20
CA LYS B 174 10.07 -17.41 38.37
C LYS B 174 8.73 -17.51 39.08
N GLU B 175 8.69 -18.36 40.10
CA GLU B 175 7.49 -18.56 40.90
C GLU B 175 7.65 -18.22 42.37
N LYS B 176 8.88 -18.13 42.87
CA LYS B 176 9.12 -17.82 44.27
C LYS B 176 10.38 -16.98 44.40
N ASN B 177 10.49 -16.28 45.52
CA ASN B 177 11.59 -15.34 45.79
C ASN B 177 11.71 -14.33 44.66
N MET B 178 10.63 -13.60 44.42
CA MET B 178 10.55 -12.68 43.30
C MET B 178 10.98 -11.28 43.71
N ASP B 179 11.70 -10.60 42.81
CA ASP B 179 12.13 -9.22 43.01
C ASP B 179 11.15 -8.32 42.29
N VAL B 180 10.24 -7.70 43.04
CA VAL B 180 9.13 -6.99 42.43
C VAL B 180 9.06 -5.56 42.96
N GLU B 181 8.56 -4.67 42.12
CA GLU B 181 8.33 -3.28 42.49
C GLU B 181 6.87 -2.94 42.25
N PHE B 182 6.28 -2.14 43.15
CA PHE B 182 4.91 -1.69 43.03
C PHE B 182 4.89 -0.20 42.77
N CYS B 183 4.13 0.23 41.76
CA CYS B 183 4.06 1.62 41.36
C CYS B 183 2.61 2.06 41.20
N GLU B 184 2.35 3.29 41.62
CA GLU B 184 1.07 3.94 41.35
C GLU B 184 1.31 5.37 40.88
N ALA B 185 0.52 5.80 39.90
CA ALA B 185 0.71 7.09 39.24
C ALA B 185 -0.09 8.17 39.96
N VAL B 186 0.56 9.30 40.22
CA VAL B 186 -0.04 10.44 40.90
C VAL B 186 0.09 11.66 40.01
N ASN B 187 -0.48 12.77 40.47
CA ASN B 187 -0.49 13.98 39.66
C ASN B 187 0.72 14.86 39.94
N ASP B 188 1.09 15.04 41.21
CA ASP B 188 2.17 15.93 41.59
C ASP B 188 3.18 15.21 42.46
N PHE B 189 4.34 15.86 42.64
CA PHE B 189 5.44 15.30 43.40
C PHE B 189 5.14 15.33 44.90
N GLY B 190 6.09 14.82 45.67
CA GLY B 190 5.98 14.76 47.11
C GLY B 190 7.34 14.59 47.73
N LYS B 191 7.34 14.02 48.94
CA LYS B 191 8.57 13.73 49.65
C LYS B 191 8.67 12.24 49.94
N ASN B 192 9.91 11.75 50.03
CA ASN B 192 10.15 10.34 50.27
C ASN B 192 9.97 10.01 51.75
N GLU B 193 9.55 8.78 52.03
CA GLU B 193 9.46 8.26 53.39
C GLU B 193 9.90 6.80 53.40
N GLY B 194 11.04 6.52 54.03
CA GLY B 194 11.51 5.14 54.11
C GLY B 194 11.86 4.59 52.74
N ASN B 195 11.37 3.39 52.45
CA ASN B 195 11.57 2.77 51.14
C ASN B 195 10.67 3.35 50.07
N ILE B 196 9.56 3.98 50.45
CA ILE B 196 8.66 4.59 49.47
C ILE B 196 9.38 5.75 48.80
N ILE B 197 9.37 5.76 47.47
CA ILE B 197 10.12 6.75 46.70
C ILE B 197 9.23 7.32 45.61
N PHE B 198 9.63 8.47 45.08
CA PHE B 198 8.94 9.15 43.99
C PHE B 198 9.85 9.20 42.78
N GLN B 199 9.33 8.86 41.61
CA GLN B 199 10.16 8.89 40.40
C GLN B 199 9.27 9.05 39.18
N VAL B 200 9.91 9.04 38.00
CA VAL B 200 9.24 9.20 36.73
C VAL B 200 9.56 8.00 35.84
N ILE B 201 8.52 7.36 35.33
CA ILE B 201 8.66 6.21 34.42
C ILE B 201 8.51 6.70 33.00
N PRO B 202 9.43 6.38 32.10
CA PRO B 202 9.41 6.97 30.75
C PRO B 202 8.36 6.32 29.86
N ALA B 203 8.26 6.86 28.65
CA ALA B 203 7.28 6.42 27.67
C ALA B 203 7.82 5.23 26.87
N ILE B 204 6.94 4.29 26.54
CA ILE B 204 7.33 3.09 25.82
C ILE B 204 6.31 2.76 24.74
N THR B 205 6.73 1.88 23.83
CA THR B 205 5.86 1.23 22.86
C THR B 205 5.80 -0.25 23.22
N ALA B 206 4.60 -0.79 23.36
CA ALA B 206 4.46 -2.11 23.96
C ALA B 206 3.41 -2.94 23.23
N VAL B 207 3.60 -4.24 23.27
CA VAL B 207 2.60 -5.20 22.84
C VAL B 207 1.84 -5.68 24.07
N THR B 208 0.52 -5.66 24.02
CA THR B 208 -0.31 -5.88 25.19
C THR B 208 -1.28 -7.02 24.94
N VAL B 209 -1.65 -7.65 26.06
CA VAL B 209 -2.60 -8.76 26.13
C VAL B 209 -3.43 -8.55 27.39
N ILE B 210 -4.72 -8.89 27.33
CA ILE B 210 -5.62 -8.74 28.46
C ILE B 210 -6.00 -10.12 28.98
N HIS B 211 -5.80 -10.34 30.28
CA HIS B 211 -6.19 -11.56 30.96
C HIS B 211 -7.43 -11.29 31.80
N LYS B 212 -8.32 -12.28 31.85
CA LYS B 212 -9.60 -12.14 32.53
C LYS B 212 -9.86 -13.37 33.39
N GLY B 213 -10.03 -13.16 34.69
CA GLY B 213 -10.33 -14.23 35.60
C GLY B 213 -9.45 -14.25 36.83
N PRO B 214 -9.21 -15.44 37.39
CA PRO B 214 -8.39 -15.54 38.59
C PRO B 214 -6.91 -15.32 38.30
N TYR B 215 -6.18 -14.98 39.36
CA TYR B 215 -4.78 -14.59 39.20
C TYR B 215 -3.88 -15.76 38.86
N ASP B 216 -4.19 -16.96 39.34
CA ASP B 216 -3.22 -18.05 39.34
C ASP B 216 -2.78 -18.45 37.94
N SER B 217 -3.66 -18.33 36.95
CA SER B 217 -3.32 -18.74 35.59
C SER B 217 -2.65 -17.64 34.79
N LEU B 218 -2.35 -16.49 35.42
CA LEU B 218 -1.74 -15.37 34.72
C LEU B 218 -0.45 -15.76 34.02
N ARG B 219 0.25 -16.78 34.55
CA ARG B 219 1.50 -17.25 33.95
C ARG B 219 1.32 -17.61 32.48
N ASN B 220 0.15 -18.16 32.12
CA ASN B 220 -0.12 -18.50 30.73
C ASN B 220 0.08 -17.29 29.82
N ALA B 221 -0.40 -16.13 30.24
CA ALA B 221 -0.21 -14.91 29.46
C ALA B 221 1.27 -14.66 29.20
N TYR B 222 2.09 -14.77 30.25
CA TYR B 222 3.52 -14.53 30.10
C TYR B 222 4.15 -15.53 29.14
N ILE B 223 3.54 -16.70 28.98
CA ILE B 223 4.01 -17.64 27.98
C ILE B 223 3.71 -17.10 26.58
N TYR B 224 2.46 -16.72 26.34
CA TYR B 224 2.00 -16.40 24.99
C TYR B 224 2.82 -15.26 24.39
N LEU B 225 2.92 -14.14 25.10
CA LEU B 225 3.70 -13.02 24.61
C LEU B 225 5.14 -13.42 24.34
N MET B 226 5.70 -14.30 25.18
CA MET B 226 7.08 -14.72 24.98
C MET B 226 7.24 -15.49 23.67
N GLN B 227 6.19 -16.16 23.22
CA GLN B 227 6.21 -16.74 21.90
C GLN B 227 6.18 -15.66 20.83
N TRP B 228 5.28 -14.69 20.99
CA TRP B 228 5.06 -13.64 20.00
C TRP B 228 6.36 -12.92 19.65
N VAL B 229 7.08 -12.45 20.68
CA VAL B 229 8.32 -11.71 20.47
C VAL B 229 9.33 -12.54 19.69
N GLU B 230 9.32 -13.86 19.89
CA GLU B 230 10.24 -14.72 19.16
C GLU B 230 9.74 -15.00 17.75
N ASP B 231 8.41 -15.07 17.59
CA ASP B 231 7.85 -15.57 16.33
C ASP B 231 7.87 -14.49 15.25
N ASN B 232 7.76 -13.22 15.63
CA ASN B 232 7.59 -12.14 14.68
C ASN B 232 8.79 -11.20 14.63
N GLY B 233 9.96 -11.65 15.08
CA GLY B 233 11.18 -10.88 14.95
C GLY B 233 11.20 -9.57 15.72
N TYR B 234 10.93 -9.63 17.02
CA TYR B 234 10.99 -8.49 17.91
C TYR B 234 12.03 -8.74 18.99
N LEU B 235 12.36 -7.70 19.74
CA LEU B 235 13.32 -7.80 20.83
C LEU B 235 12.75 -7.09 22.06
N LEU B 236 12.80 -7.78 23.20
CA LEU B 236 12.32 -7.22 24.46
C LEU B 236 13.36 -6.26 25.02
N THR B 237 12.91 -5.06 25.41
CA THR B 237 13.82 -3.99 25.79
C THR B 237 13.88 -3.75 27.29
N ASN B 238 12.80 -3.96 28.02
CA ASN B 238 12.72 -3.53 29.41
C ASN B 238 11.86 -4.51 30.17
N SER B 239 11.67 -4.24 31.47
CA SER B 239 10.93 -5.15 32.33
C SER B 239 9.45 -5.14 31.98
N PRO B 240 8.77 -6.29 32.04
CA PRO B 240 7.33 -6.30 31.82
C PRO B 240 6.59 -5.60 32.94
N ARG B 241 5.36 -5.20 32.64
CA ARG B 241 4.47 -4.56 33.61
C ARG B 241 3.20 -5.39 33.76
N GLU B 242 2.60 -5.29 34.94
CA GLU B 242 1.31 -5.92 35.20
C GLU B 242 0.40 -4.86 35.81
N SER B 243 -0.61 -4.45 35.06
CA SER B 243 -1.47 -3.33 35.41
C SER B 243 -2.86 -3.84 35.75
N TYR B 244 -3.47 -3.26 36.79
CA TYR B 244 -4.68 -3.82 37.37
C TYR B 244 -5.88 -2.96 37.00
N ILE B 245 -6.89 -3.57 36.38
CA ILE B 245 -8.08 -2.86 35.94
C ILE B 245 -9.29 -3.19 36.80
N ASP B 246 -9.60 -4.47 36.97
CA ASP B 246 -10.77 -4.90 37.74
C ASP B 246 -10.36 -6.00 38.71
N GLY B 247 -10.69 -5.81 39.98
CA GLY B 247 -10.27 -6.73 40.99
C GLY B 247 -11.23 -6.78 42.14
N ILE B 248 -10.73 -7.25 43.29
CA ILE B 248 -11.57 -7.45 44.46
C ILE B 248 -12.09 -6.14 45.04
N TRP B 249 -11.47 -5.01 44.68
CA TRP B 249 -11.92 -3.73 45.20
C TRP B 249 -13.18 -3.23 44.50
N ASN B 250 -13.59 -3.88 43.40
CA ASN B 250 -14.81 -3.51 42.71
C ASN B 250 -15.85 -4.61 42.65
N LYS B 251 -15.44 -5.87 42.74
CA LYS B 251 -16.31 -7.00 42.44
C LYS B 251 -16.08 -8.12 43.45
N GLN B 252 -17.03 -9.04 43.50
CA GLN B 252 -16.89 -10.24 44.31
C GLN B 252 -16.65 -11.49 43.50
N ASP B 253 -17.19 -11.54 42.27
CA ASP B 253 -17.00 -12.68 41.40
C ASP B 253 -15.60 -12.64 40.79
N SER B 254 -14.74 -13.57 41.20
CA SER B 254 -13.37 -13.58 40.72
C SER B 254 -13.26 -13.93 39.23
N ALA B 255 -14.36 -14.35 38.60
CA ALA B 255 -14.36 -14.61 37.17
C ALA B 255 -14.63 -13.37 36.35
N GLU B 256 -14.63 -12.19 36.98
CA GLU B 256 -14.82 -10.93 36.27
C GLU B 256 -13.66 -9.96 36.50
N TRP B 257 -12.55 -10.42 37.04
CA TRP B 257 -11.38 -9.58 37.23
C TRP B 257 -10.63 -9.43 35.92
N MET B 258 -10.05 -8.25 35.70
CA MET B 258 -9.40 -7.94 34.44
C MET B 258 -8.04 -7.31 34.71
N THR B 259 -7.01 -7.83 34.03
CA THR B 259 -5.66 -7.33 34.15
C THR B 259 -5.00 -7.30 32.78
N GLU B 260 -3.91 -6.56 32.65
CA GLU B 260 -3.26 -6.34 31.36
C GLU B 260 -1.76 -6.56 31.48
N ILE B 261 -1.23 -7.43 30.65
CA ILE B 261 0.21 -7.66 30.54
C ILE B 261 0.72 -6.85 29.37
N GLN B 262 1.82 -6.12 29.59
CA GLN B 262 2.39 -5.23 28.59
C GLN B 262 3.88 -5.49 28.49
N PHE B 263 4.35 -5.84 27.28
CA PHE B 263 5.77 -6.09 27.03
C PHE B 263 6.32 -4.94 26.20
N PRO B 264 7.29 -4.17 26.70
CA PRO B 264 7.95 -3.16 25.87
C PRO B 264 8.91 -3.82 24.89
N VAL B 265 8.69 -3.59 23.60
CA VAL B 265 9.46 -4.29 22.57
C VAL B 265 10.00 -3.31 21.55
N GLU B 266 10.82 -3.82 20.63
CA GLU B 266 11.41 -3.03 19.57
C GLU B 266 11.60 -3.93 18.35
N LYS B 267 11.46 -3.35 17.17
CA LYS B 267 11.57 -4.11 15.93
C LYS B 267 13.05 -4.23 15.57
N VAL B 268 13.64 -5.37 15.93
CA VAL B 268 15.05 -5.61 15.67
C VAL B 268 15.21 -6.87 14.82
SB 118 E . 1.09 4.95 -45.30
C1A 118 E . 3.10 4.76 -44.62
C2A 118 E . 3.36 4.07 -43.45
C3A 118 E . 4.67 3.94 -43.01
C4A 118 E . 5.71 4.49 -43.74
C5A 118 E . 5.45 5.17 -44.91
C6A 118 E . 4.15 5.31 -45.35
C1C 118 E . 0.90 6.52 -46.75
C6C 118 E . 2.03 7.02 -47.38
C5C 118 E . 1.90 8.02 -48.32
C4C 118 E . 0.65 8.53 -48.64
C3C 118 E . -0.48 8.01 -48.02
C2C 118 E . -0.35 7.01 -47.08
C1D 118 E . -0.24 5.21 -43.65
C6D 118 E . -1.60 5.08 -43.83
C5D 118 E . -2.46 5.24 -42.76
C4D 118 E . -1.96 5.52 -41.50
C3D 118 E . -0.59 5.65 -41.31
C2D 118 E . 0.27 5.48 -42.39
C6B 118 E . 1.44 2.10 -46.53
C5B 118 E . 0.97 0.94 -47.12
C4B 118 E . -0.39 0.82 -47.41
C3B 118 E . -1.27 1.83 -47.10
C2B 118 E . -0.79 2.99 -46.50
C1B 118 E . 0.56 3.11 -46.22
SB 118 F . -5.73 -1.36 45.13
C1A 118 F . -4.77 -3.15 44.51
C2A 118 F . -4.43 -3.34 43.19
C3A 118 F . -3.81 -4.52 42.81
C4A 118 F . -3.52 -5.50 43.74
C5A 118 F . -3.86 -5.30 45.07
C6A 118 F . -4.48 -4.12 45.45
C1C 118 F . -6.98 -1.80 46.79
C6C 118 F . -7.35 -3.12 47.04
C5C 118 F . -8.17 -3.42 48.12
C4C 118 F . -8.60 -2.40 48.96
C3C 118 F . -8.22 -1.10 48.72
C2C 118 F . -7.41 -0.80 47.64
C1D 118 F . -6.79 -0.43 43.54
C6D 118 F . -6.37 -0.60 42.23
C5D 118 F . -7.06 0.02 41.20
C4D 118 F . -8.16 0.81 41.47
C3D 118 F . -8.57 0.99 42.79
C2D 118 F . -7.89 0.38 43.82
C6B 118 F . -4.41 1.44 45.56
C5B 118 F . -3.40 2.28 45.98
C4B 118 F . -2.25 1.76 46.53
C3B 118 F . -2.11 0.40 46.69
C2B 118 F . -3.12 -0.45 46.27
C1B 118 F . -4.26 0.07 45.72
#